data_4YME
#
_entry.id   4YME
#
_cell.length_a   37.429
_cell.length_b   49.416
_cell.length_c   82.905
_cell.angle_alpha   90.000
_cell.angle_beta   90.000
_cell.angle_gamma   90.000
#
_symmetry.space_group_name_H-M   'P 21 21 21'
#
loop_
_entity.id
_entity.type
_entity.pdbx_description
1 polymer 'sensory box/GGDEF family protein'
2 water water
#
_entity_poly.entity_id   1
_entity_poly.type   'polypeptide(L)'
_entity_poly.pdbx_seq_one_letter_code
;GAEHDGLTGLLNRNSLQ(MSE)RLAAAIDRVEASGESLAVICIDLDHFKEANDQHGHLAGDALLVETARRLQSAVQAPSF
AARLGGDEFIVVQIAGGDQPAVAAELAGRLIE(MSE)LAAPVPFDGQELA(MSE)GSSLGVSLYPDDGRTAEAL(MSE)A
NAD(MSE)ALYRAKESGR
;
_entity_poly.pdbx_strand_id   A
#
# COMPACT_ATOMS: atom_id res chain seq x y z
N ALA A 2 -5.16 5.33 18.38
CA ALA A 2 -5.38 3.85 18.43
C ALA A 2 -5.65 3.23 17.05
N GLU A 3 -6.39 3.94 16.21
CA GLU A 3 -6.74 3.36 14.89
C GLU A 3 -6.02 3.99 13.74
N HIS A 4 -5.27 5.06 14.00
CA HIS A 4 -4.49 5.69 12.94
C HIS A 4 -3.01 5.65 13.18
N ASP A 5 -2.26 5.60 12.09
CA ASP A 5 -0.84 5.81 12.10
C ASP A 5 -0.63 7.27 12.42
N GLY A 6 0.09 7.53 13.51
CA GLY A 6 0.31 8.95 13.91
C GLY A 6 1.02 9.76 12.86
N LEU A 7 2.09 9.20 12.27
CA LEU A 7 2.89 9.98 11.36
C LEU A 7 2.06 10.45 10.17
N THR A 8 1.21 9.59 9.61
CA THR A 8 0.56 9.85 8.32
C THR A 8 -0.96 10.00 8.35
N GLY A 9 -1.62 9.55 9.42
CA GLY A 9 -3.06 9.56 9.44
C GLY A 9 -3.78 8.46 8.68
N LEU A 10 -3.02 7.59 8.04
CA LEU A 10 -3.62 6.38 7.47
C LEU A 10 -3.95 5.42 8.60
N LEU A 11 -4.59 4.30 8.25
CA LEU A 11 -4.79 3.28 9.22
C LEU A 11 -3.46 2.72 9.71
N ASN A 12 -3.46 2.12 10.88
CA ASN A 12 -2.31 1.39 11.36
C ASN A 12 -2.53 -0.12 11.17
N ARG A 13 -1.53 -0.92 11.55
CA ARG A 13 -1.63 -2.38 11.42
C ARG A 13 -2.90 -2.95 12.05
N ASN A 14 -3.20 -2.51 13.28
CA ASN A 14 -4.40 -2.97 14.07
CA ASN A 14 -4.35 -3.08 13.99
C ASN A 14 -5.67 -2.76 13.28
N SER A 15 -5.87 -1.50 12.85
CA SER A 15 -7.14 -1.15 12.19
C SER A 15 -7.20 -1.73 10.80
N LEU A 16 -6.07 -1.84 10.11
CA LEU A 16 -6.04 -2.56 8.86
C LEU A 16 -6.55 -3.99 8.98
N GLN A 17 -6.00 -4.72 9.94
CA GLN A 17 -6.37 -6.13 10.10
C GLN A 17 -7.87 -6.23 10.41
N ARG A 19 -10.37 -4.09 9.68
CA ARG A 19 -11.18 -3.68 8.54
CA ARG A 19 -11.18 -3.69 8.53
C ARG A 19 -11.08 -4.69 7.39
N LEU A 20 -9.91 -5.31 7.22
CA LEU A 20 -9.72 -6.33 6.18
C LEU A 20 -10.54 -7.57 6.53
N ALA A 21 -10.52 -7.98 7.81
CA ALA A 21 -11.32 -9.13 8.22
C ALA A 21 -12.80 -8.87 7.96
N ALA A 22 -13.26 -7.65 8.28
CA ALA A 22 -14.69 -7.31 8.05
C ALA A 22 -15.01 -7.30 6.55
N ALA A 23 -14.06 -6.81 5.74
CA ALA A 23 -14.23 -6.72 4.29
C ALA A 23 -14.39 -8.12 3.70
N ILE A 24 -13.66 -9.10 4.21
CA ILE A 24 -13.81 -10.47 3.72
C ILE A 24 -15.27 -10.92 3.90
N ASP A 25 -15.83 -10.69 5.09
CA ASP A 25 -17.21 -11.10 5.31
C ASP A 25 -18.18 -10.36 4.37
N ARG A 26 -17.93 -9.07 4.14
CA ARG A 26 -18.73 -8.30 3.22
C ARG A 26 -18.74 -8.88 1.79
N VAL A 27 -17.55 -9.19 1.27
CA VAL A 27 -17.45 -9.56 -0.12
C VAL A 27 -17.88 -11.03 -0.29
N GLU A 28 -17.69 -11.87 0.73
CA GLU A 28 -18.14 -13.25 0.65
C GLU A 28 -19.66 -13.25 0.41
N ALA A 29 -20.37 -12.32 1.06
CA ALA A 29 -21.83 -12.17 0.88
C ALA A 29 -22.22 -11.41 -0.37
N SER A 30 -21.52 -10.33 -0.70
CA SER A 30 -21.92 -9.44 -1.77
C SER A 30 -21.46 -9.88 -3.14
N GLY A 31 -20.33 -10.59 -3.21
CA GLY A 31 -19.74 -10.95 -4.51
C GLY A 31 -18.81 -9.90 -5.10
N GLU A 32 -18.57 -8.83 -4.35
CA GLU A 32 -17.55 -7.84 -4.73
C GLU A 32 -16.14 -8.48 -4.73
N SER A 33 -15.26 -7.82 -5.46
CA SER A 33 -13.86 -8.25 -5.45
CA SER A 33 -13.84 -8.14 -5.53
C SER A 33 -13.10 -7.57 -4.32
N LEU A 34 -12.15 -8.29 -3.79
CA LEU A 34 -11.29 -7.81 -2.71
C LEU A 34 -9.84 -8.16 -3.03
N ALA A 35 -8.99 -7.15 -2.99
CA ALA A 35 -7.54 -7.28 -3.26
C ALA A 35 -6.74 -6.56 -2.21
N VAL A 36 -5.58 -7.09 -1.90
CA VAL A 36 -4.64 -6.47 -0.95
C VAL A 36 -3.38 -6.17 -1.71
N ILE A 37 -2.94 -4.93 -1.60
CA ILE A 37 -1.80 -4.41 -2.30
C ILE A 37 -0.78 -3.94 -1.30
N CYS A 38 0.39 -4.56 -1.32
CA CYS A 38 1.50 -4.15 -0.46
CA CYS A 38 1.51 -4.13 -0.47
C CYS A 38 2.48 -3.30 -1.26
N ILE A 39 2.88 -2.16 -0.70
CA ILE A 39 3.65 -1.16 -1.43
C ILE A 39 4.86 -0.76 -0.62
N ASP A 40 6.00 -0.59 -1.28
CA ASP A 40 7.10 0.01 -0.56
C ASP A 40 7.82 0.98 -1.44
N LEU A 41 8.66 1.83 -0.85
CA LEU A 41 9.29 2.91 -1.58
C LEU A 41 10.71 2.51 -1.98
N ASP A 42 11.06 2.85 -3.21
CA ASP A 42 12.34 2.41 -3.79
C ASP A 42 13.54 3.10 -3.16
N HIS A 43 13.36 4.34 -2.71
CA HIS A 43 14.52 5.15 -2.27
C HIS A 43 14.35 5.80 -0.91
N PHE A 44 13.63 5.14 -0.04
CA PHE A 44 13.47 5.57 1.34
C PHE A 44 14.76 5.52 2.14
N LYS A 45 15.50 4.42 1.99
CA LYS A 45 16.78 4.29 2.72
C LYS A 45 17.75 5.37 2.29
N GLU A 46 17.85 5.58 0.99
CA GLU A 46 18.79 6.57 0.49
CA GLU A 46 18.72 6.60 0.40
C GLU A 46 18.38 7.98 0.95
N ALA A 47 17.08 8.30 1.05
CA ALA A 47 16.66 9.63 1.57
C ALA A 47 17.12 9.81 3.01
N ASN A 48 16.94 8.78 3.81
CA ASN A 48 17.39 8.85 5.19
C ASN A 48 18.93 8.96 5.31
N ASP A 49 19.60 8.17 4.48
CA ASP A 49 21.08 8.12 4.46
C ASP A 49 21.69 9.43 4.05
N GLN A 50 21.12 10.03 3.02
CA GLN A 50 21.71 11.21 2.36
CA GLN A 50 21.74 11.17 2.38
C GLN A 50 21.26 12.50 2.98
N HIS A 51 20.01 12.55 3.49
CA HIS A 51 19.41 13.79 4.03
C HIS A 51 18.81 13.71 5.43
N GLY A 52 19.04 12.63 6.19
CA GLY A 52 18.56 12.46 7.56
C GLY A 52 17.11 11.92 7.67
N HIS A 53 16.72 11.53 8.88
CA HIS A 53 15.42 10.88 9.16
C HIS A 53 14.18 11.70 8.75
N LEU A 54 14.28 13.02 8.84
CA LEU A 54 13.20 13.92 8.47
C LEU A 54 12.92 13.85 6.95
N ALA A 55 13.91 13.47 6.15
CA ALA A 55 13.68 13.30 4.70
C ALA A 55 12.82 12.07 4.44
N GLY A 56 13.20 10.97 5.04
CA GLY A 56 12.37 9.76 4.90
C GLY A 56 10.96 10.00 5.41
N ASP A 57 10.81 10.74 6.49
CA ASP A 57 9.47 11.10 6.98
C ASP A 57 8.64 11.88 5.98
N ALA A 58 9.27 12.81 5.28
CA ALA A 58 8.63 13.63 4.28
C ALA A 58 8.11 12.68 3.17
N LEU A 59 8.90 11.65 2.83
CA LEU A 59 8.47 10.67 1.82
C LEU A 59 7.20 9.99 2.30
N LEU A 60 7.22 9.60 3.57
CA LEU A 60 6.05 8.87 4.12
C LEU A 60 4.79 9.72 4.11
N VAL A 61 4.93 10.97 4.52
CA VAL A 61 3.82 11.92 4.59
C VAL A 61 3.25 12.20 3.22
N GLU A 62 4.13 12.35 2.24
CA GLU A 62 3.64 12.64 0.90
C GLU A 62 3.00 11.37 0.29
N THR A 63 3.58 10.20 0.53
CA THR A 63 2.98 8.94 0.03
C THR A 63 1.57 8.84 0.57
N ALA A 64 1.40 9.09 1.87
CA ALA A 64 0.09 9.02 2.49
C ALA A 64 -0.88 10.01 1.91
N ARG A 65 -0.42 11.23 1.68
CA ARG A 65 -1.28 12.24 1.05
C ARG A 65 -1.77 11.78 -0.32
N ARG A 66 -0.87 11.23 -1.14
CA ARG A 66 -1.21 10.70 -2.44
C ARG A 66 -2.19 9.54 -2.33
N LEU A 67 -1.93 8.66 -1.39
CA LEU A 67 -2.87 7.48 -1.19
C LEU A 67 -4.26 7.97 -0.73
N GLN A 68 -4.32 8.94 0.18
CA GLN A 68 -5.62 9.50 0.62
C GLN A 68 -6.36 10.11 -0.57
N SER A 69 -5.64 10.69 -1.51
CA SER A 69 -6.32 11.26 -2.70
C SER A 69 -6.91 10.17 -3.56
N ALA A 70 -6.30 9.00 -3.62
CA ALA A 70 -6.66 7.95 -4.60
C ALA A 70 -7.53 6.83 -4.06
N VAL A 71 -7.57 6.67 -2.76
CA VAL A 71 -8.19 5.51 -2.15
C VAL A 71 -9.38 6.08 -1.35
N GLN A 72 -10.59 5.77 -1.83
CA GLN A 72 -11.86 6.23 -1.23
C GLN A 72 -12.65 5.04 -0.68
N ALA A 73 -13.40 5.27 0.42
CA ALA A 73 -14.31 4.22 0.94
C ALA A 73 -15.14 3.66 -0.21
N PRO A 74 -15.27 2.33 -0.31
CA PRO A 74 -15.00 1.36 0.75
C PRO A 74 -13.56 0.81 0.81
N SER A 75 -12.71 1.27 -0.11
CA SER A 75 -11.29 0.88 -0.08
C SER A 75 -10.62 1.69 1.03
N PHE A 76 -9.43 1.25 1.44
CA PHE A 76 -8.72 1.92 2.53
C PHE A 76 -7.23 1.65 2.46
N ALA A 77 -6.48 2.49 3.16
CA ALA A 77 -5.02 2.48 3.15
C ALA A 77 -4.47 2.55 4.54
N ALA A 78 -3.32 1.93 4.73
CA ALA A 78 -2.61 1.81 6.01
C ALA A 78 -1.11 1.98 5.81
N ARG A 79 -0.40 2.42 6.84
CA ARG A 79 1.06 2.31 6.85
C ARG A 79 1.39 1.32 7.96
N LEU A 80 2.17 0.29 7.64
CA LEU A 80 2.49 -0.70 8.72
C LEU A 80 3.55 -0.21 9.68
N GLY A 81 4.47 0.59 9.16
CA GLY A 81 5.82 0.75 9.70
C GLY A 81 6.84 0.91 8.58
N GLY A 82 7.86 1.67 8.85
CA GLY A 82 8.81 2.03 7.82
C GLY A 82 8.08 2.61 6.65
N ASP A 83 8.51 2.20 5.46
CA ASP A 83 7.94 2.59 4.19
C ASP A 83 7.05 1.53 3.57
N GLU A 84 6.45 0.70 4.39
CA GLU A 84 5.54 -0.35 3.95
CA GLU A 84 5.55 -0.34 3.88
C GLU A 84 4.09 0.10 4.11
N PHE A 85 3.40 0.20 3.00
CA PHE A 85 2.01 0.62 2.97
C PHE A 85 1.14 -0.51 2.43
N ILE A 86 -0.15 -0.49 2.77
CA ILE A 86 -1.10 -1.45 2.27
C ILE A 86 -2.31 -0.72 1.79
N VAL A 87 -2.82 -1.11 0.64
CA VAL A 87 -4.12 -0.65 0.15
C VAL A 87 -5.02 -1.85 0.00
N VAL A 88 -6.22 -1.75 0.56
CA VAL A 88 -7.25 -2.74 0.38
C VAL A 88 -8.31 -2.20 -0.55
N GLN A 89 -8.50 -2.91 -1.67
CA GLN A 89 -9.45 -2.50 -2.70
C GLN A 89 -10.69 -3.40 -2.62
N ILE A 90 -11.84 -2.75 -2.46
CA ILE A 90 -13.14 -3.39 -2.64
C ILE A 90 -13.77 -2.79 -3.89
N ALA A 91 -14.12 -3.66 -4.82
CA ALA A 91 -14.58 -3.18 -6.14
C ALA A 91 -15.48 -4.22 -6.80
N GLY A 92 -15.76 -4.03 -8.08
CA GLY A 92 -16.63 -4.96 -8.85
C GLY A 92 -15.90 -5.82 -9.86
N GLY A 93 -16.68 -6.33 -10.82
CA GLY A 93 -16.16 -6.83 -12.10
C GLY A 93 -15.06 -7.89 -12.11
N ASP A 94 -14.20 -7.82 -13.13
CA ASP A 94 -13.09 -8.75 -13.30
C ASP A 94 -12.00 -8.43 -12.27
N GLN A 95 -11.87 -9.31 -11.28
CA GLN A 95 -11.02 -9.05 -10.10
C GLN A 95 -9.52 -8.82 -10.40
N PRO A 96 -8.90 -9.72 -11.22
CA PRO A 96 -7.48 -9.56 -11.60
C PRO A 96 -7.25 -8.26 -12.37
N ALA A 97 -8.10 -7.96 -13.36
CA ALA A 97 -8.09 -6.67 -14.06
C ALA A 97 -8.29 -5.45 -13.14
N VAL A 98 -9.31 -5.47 -12.30
CA VAL A 98 -9.66 -4.28 -11.50
C VAL A 98 -8.56 -3.92 -10.49
N ALA A 99 -7.94 -4.98 -9.94
CA ALA A 99 -6.80 -4.82 -9.04
C ALA A 99 -5.56 -4.34 -9.82
N ALA A 100 -5.28 -4.99 -10.97
CA ALA A 100 -4.16 -4.55 -11.83
C ALA A 100 -4.31 -3.08 -12.24
N GLU A 101 -5.54 -2.63 -12.50
CA GLU A 101 -5.76 -1.24 -12.92
C GLU A 101 -5.43 -0.23 -11.80
N LEU A 102 -5.88 -0.54 -10.60
CA LEU A 102 -5.52 0.31 -9.50
C LEU A 102 -4.04 0.26 -9.24
N ALA A 103 -3.44 -0.93 -9.27
CA ALA A 103 -1.98 -1.08 -9.04
C ALA A 103 -1.19 -0.15 -9.98
N GLY A 104 -1.58 -0.14 -11.23
CA GLY A 104 -0.91 0.71 -12.19
C GLY A 104 -1.02 2.17 -11.81
N ARG A 105 -2.22 2.59 -11.37
CA ARG A 105 -2.44 3.98 -11.00
C ARG A 105 -1.61 4.35 -9.77
N LEU A 106 -1.52 3.43 -8.83
CA LEU A 106 -0.70 3.65 -7.63
C LEU A 106 0.77 3.85 -8.01
N ILE A 107 1.31 2.97 -8.84
CA ILE A 107 2.72 3.11 -9.25
C ILE A 107 2.93 4.49 -9.91
N GLU A 108 2.02 4.89 -10.77
CA GLU A 108 2.15 6.18 -11.46
CA GLU A 108 2.15 6.18 -11.46
C GLU A 108 2.14 7.34 -10.47
N LEU A 110 2.87 7.40 -7.33
CA LEU A 110 4.02 7.39 -6.42
C LEU A 110 5.37 7.62 -7.09
N ALA A 111 5.36 7.85 -8.40
CA ALA A 111 6.59 7.99 -9.12
C ALA A 111 7.19 9.40 -8.97
N ALA A 112 6.38 10.45 -8.81
CA ALA A 112 6.92 11.83 -8.86
C ALA A 112 7.69 12.17 -7.64
N PRO A 113 8.78 12.91 -7.75
CA PRO A 113 9.56 13.23 -6.53
C PRO A 113 8.81 14.10 -5.52
N VAL A 114 9.40 14.27 -4.36
CA VAL A 114 8.79 15.14 -3.34
CA VAL A 114 8.81 15.01 -3.23
C VAL A 114 9.74 16.22 -2.93
N PRO A 115 9.23 17.48 -2.87
CA PRO A 115 10.13 18.54 -2.42
C PRO A 115 10.45 18.41 -0.94
N PHE A 116 11.69 18.67 -0.59
CA PHE A 116 12.15 18.64 0.79
C PHE A 116 13.33 19.57 0.97
N ASP A 117 13.20 20.57 1.85
CA ASP A 117 14.36 21.39 2.31
C ASP A 117 15.07 22.02 1.10
N GLY A 118 14.27 22.53 0.17
CA GLY A 118 14.78 23.08 -1.10
C GLY A 118 15.42 22.11 -2.09
N GLN A 119 15.30 20.80 -1.86
CA GLN A 119 15.73 19.78 -2.80
C GLN A 119 14.51 18.93 -3.18
N GLU A 120 14.73 17.98 -4.08
CA GLU A 120 13.72 16.97 -4.39
C GLU A 120 14.25 15.61 -4.05
N LEU A 121 13.40 14.82 -3.42
CA LEU A 121 13.70 13.48 -3.00
C LEU A 121 13.05 12.49 -3.97
N ALA A 122 13.86 11.50 -4.38
CA ALA A 122 13.41 10.40 -5.27
C ALA A 122 12.34 9.56 -4.64
N GLY A 124 9.15 6.69 -6.28
CA GLY A 124 9.19 5.42 -6.96
C GLY A 124 8.81 4.35 -5.97
N SER A 125 8.00 3.41 -6.40
CA SER A 125 7.51 2.35 -5.53
C SER A 125 7.51 1.00 -6.23
N SER A 126 7.41 -0.05 -5.43
CA SER A 126 7.19 -1.40 -5.87
C SER A 126 5.98 -1.94 -5.18
N LEU A 127 5.26 -2.85 -5.78
CA LEU A 127 4.07 -3.38 -5.18
C LEU A 127 3.82 -4.82 -5.51
N GLY A 128 3.09 -5.47 -4.62
CA GLY A 128 2.63 -6.84 -4.79
C GLY A 128 1.16 -6.92 -4.51
N VAL A 129 0.47 -7.81 -5.17
CA VAL A 129 -0.97 -7.92 -5.11
C VAL A 129 -1.37 -9.33 -4.72
N SER A 130 -2.29 -9.44 -3.77
CA SER A 130 -2.97 -10.68 -3.43
CA SER A 130 -2.95 -10.69 -3.42
C SER A 130 -4.45 -10.53 -3.60
N LEU A 131 -5.12 -11.57 -4.15
CA LEU A 131 -6.54 -11.53 -4.43
C LEU A 131 -7.27 -12.52 -3.55
N TYR A 132 -8.40 -12.11 -2.99
CA TYR A 132 -9.29 -12.99 -2.28
C TYR A 132 -10.18 -13.76 -3.29
N PRO A 133 -10.38 -15.07 -3.11
CA PRO A 133 -9.85 -15.93 -2.06
C PRO A 133 -8.64 -16.77 -2.47
N ASP A 134 -8.19 -16.68 -3.70
CA ASP A 134 -7.15 -17.58 -4.19
C ASP A 134 -5.84 -17.41 -3.49
N ASP A 135 -5.53 -16.17 -3.07
CA ASP A 135 -4.31 -15.87 -2.35
C ASP A 135 -4.47 -15.81 -0.83
N GLY A 136 -5.60 -16.26 -0.32
CA GLY A 136 -5.88 -16.30 1.08
C GLY A 136 -7.31 -15.99 1.42
N ARG A 137 -7.81 -16.64 2.44
CA ARG A 137 -9.20 -16.48 2.85
C ARG A 137 -9.37 -15.80 4.18
N THR A 138 -8.26 -15.41 4.82
CA THR A 138 -8.23 -14.65 6.02
C THR A 138 -7.35 -13.41 5.82
N ALA A 139 -7.55 -12.43 6.68
CA ALA A 139 -6.77 -11.20 6.61
C ALA A 139 -5.29 -11.48 6.68
N GLU A 140 -4.88 -12.35 7.60
CA GLU A 140 -3.48 -12.65 7.80
C GLU A 140 -2.88 -13.37 6.62
N ALA A 141 -3.65 -14.29 6.01
CA ALA A 141 -3.20 -15.02 4.83
C ALA A 141 -2.99 -14.06 3.67
N LEU A 142 -3.94 -13.15 3.45
CA LEU A 142 -3.79 -12.16 2.37
C LEU A 142 -2.61 -11.21 2.62
N ALA A 144 0.18 -11.76 4.36
CA ALA A 144 1.43 -12.49 4.17
C ALA A 144 1.71 -12.71 2.71
N ASN A 145 0.70 -13.14 1.98
CA ASN A 145 0.82 -13.43 0.54
CA ASN A 145 0.92 -13.43 0.58
C ASN A 145 1.12 -12.17 -0.24
N ALA A 146 0.57 -11.03 0.20
CA ALA A 146 0.86 -9.77 -0.53
C ALA A 146 2.28 -9.35 -0.28
N ASP A 147 2.80 -9.62 0.90
CA ASP A 147 4.19 -9.29 1.22
C ASP A 147 5.16 -10.18 0.40
N ALA A 149 4.34 -11.43 -2.49
CA ALA A 149 4.20 -10.89 -3.84
C ALA A 149 5.04 -9.64 -4.03
N LEU A 150 5.18 -8.83 -2.99
CA LEU A 150 6.04 -7.65 -3.03
C LEU A 150 7.49 -8.08 -3.20
N TYR A 151 7.93 -9.08 -2.43
CA TYR A 151 9.28 -9.60 -2.58
C TYR A 151 9.53 -10.03 -4.02
N ARG A 152 8.60 -10.82 -4.57
CA ARG A 152 8.74 -11.33 -5.94
CA ARG A 152 8.77 -11.33 -5.93
C ARG A 152 8.81 -10.19 -6.95
N ALA A 153 7.98 -9.18 -6.74
CA ALA A 153 7.96 -8.00 -7.61
C ALA A 153 9.26 -7.19 -7.57
N LYS A 154 9.88 -7.12 -6.41
CA LYS A 154 11.14 -6.40 -6.25
C LYS A 154 12.27 -7.19 -6.87
N GLU A 155 12.25 -8.53 -6.80
CA GLU A 155 13.24 -9.37 -7.46
CA GLU A 155 13.26 -9.35 -7.47
C GLU A 155 13.12 -9.29 -8.99
N SER A 156 11.89 -9.47 -9.50
CA SER A 156 11.62 -9.52 -10.98
C SER A 156 11.41 -8.18 -11.70
N GLY A 157 11.04 -7.15 -10.94
CA GLY A 157 10.64 -5.82 -11.44
C GLY A 157 9.19 -5.70 -11.94
#